data_4E1U
#
_entry.id   4E1U
#
_cell.length_a   24.039
_cell.length_b   24.797
_cell.length_c   37.521
_cell.angle_alpha   74.67
_cell.angle_beta   84.42
_cell.angle_gamma   76.21
#
_symmetry.space_group_name_H-M   'P 1'
#
loop_
_entity.id
_entity.type
_entity.pdbx_description
1 polymer "5'-D(*CP*GP*GP*AP*AP*AP*TP*TP*AP*CP*CP*G)-3'"
2 non-polymer Delta-[Ru(bpy)2dppz]2+
3 non-polymer 'BARIUM ION'
4 water water
#
_entity_poly.entity_id   1
_entity_poly.type   'polydeoxyribonucleotide'
_entity_poly.pdbx_seq_one_letter_code
;(DC)(DG)(DG)(DA)(DA)(DA)(DT)(DT)(DA)(DC)(DC)(DG)
;
_entity_poly.pdbx_strand_id   A,B
#